data_4HHE
#
_entry.id   4HHE
#
_cell.length_a   76.915
_cell.length_b   80.717
_cell.length_c   141.042
_cell.angle_alpha   90.000
_cell.angle_beta   90.000
_cell.angle_gamma   90.000
#
_symmetry.space_group_name_H-M   'I 2 2 2'
#
loop_
_entity.id
_entity.type
_entity.pdbx_description
1 polymer 'Quinolinate synthase A'
2 non-polymer 'CHLORIDE ION'
#
_entity_poly.entity_id   1
_entity_poly.type   'polypeptide(L)'
_entity_poly.pdbx_seq_one_letter_code
;MGSSHHHHHHSSGLVPRGSHMEKVEELKKEIERLKKERNAIILAHNYQLPEVQDVADFVGDSLELARKATKVDADVIVFA
GVDFMAETAKILNPDKIVLIPNKRATCAMANMLKVKHILEAKKKYPNAPVVLYVNSTAETKAYADVTVTSANAVDIIRKL
DSDVIIFGPDKNLAHYVAKVTGKTIIPIPPEGHCYVHKKFTIEDVERAKKLHPNAKLMVHPECNPEVQEHADIIVSTGGM
IRRACEWDEWVVFTEREMVYRLSKLYPNKKFYPAKEDAVCVGMKAITLQHVYESLRDMKYEVTVPEEIAEKARKAIERML
EMS
;
_entity_poly.pdbx_strand_id   A
#
loop_
_chem_comp.id
_chem_comp.type
_chem_comp.name
_chem_comp.formula
CL non-polymer 'CHLORIDE ION' 'Cl -1'
#
# COMPACT_ATOMS: atom_id res chain seq x y z
N MET A 21 -3.66 23.33 -26.08
CA MET A 21 -5.09 23.14 -25.87
C MET A 21 -5.68 24.23 -24.97
N GLU A 22 -6.96 24.51 -25.16
CA GLU A 22 -7.65 25.48 -24.33
C GLU A 22 -8.24 24.76 -23.12
N LYS A 23 -8.49 23.46 -23.29
CA LYS A 23 -8.98 22.61 -22.21
C LYS A 23 -7.97 22.62 -21.07
N VAL A 24 -6.71 22.38 -21.41
CA VAL A 24 -5.63 22.40 -20.44
C VAL A 24 -5.55 23.72 -19.69
N GLU A 25 -5.53 24.82 -20.45
CA GLU A 25 -5.38 26.14 -19.86
C GLU A 25 -6.56 26.52 -18.99
N GLU A 26 -7.75 26.02 -19.31
CA GLU A 26 -8.92 26.30 -18.48
C GLU A 26 -8.86 25.51 -17.17
N LEU A 27 -8.34 24.30 -17.24
CA LEU A 27 -8.16 23.48 -16.06
C LEU A 27 -7.20 24.14 -15.08
N LYS A 28 -6.03 24.55 -15.58
CA LYS A 28 -5.04 25.22 -14.74
C LYS A 28 -5.63 26.46 -14.08
N LYS A 29 -6.48 27.15 -14.84
CA LYS A 29 -7.13 28.35 -14.33
C LYS A 29 -8.08 27.99 -13.20
N GLU A 30 -8.79 26.86 -13.35
CA GLU A 30 -9.70 26.40 -12.31
C GLU A 30 -8.95 25.86 -11.08
N ILE A 31 -7.86 25.15 -11.33
CA ILE A 31 -7.03 24.62 -10.26
C ILE A 31 -6.43 25.74 -9.41
N GLU A 32 -5.94 26.79 -10.07
CA GLU A 32 -5.35 27.93 -9.37
C GLU A 32 -6.38 28.69 -8.53
N ARG A 33 -7.61 28.76 -9.03
CA ARG A 33 -8.72 29.41 -8.34
C ARG A 33 -9.13 28.61 -7.12
N LEU A 34 -9.32 27.31 -7.33
CA LEU A 34 -9.74 26.43 -6.25
C LEU A 34 -8.70 26.32 -5.15
N LYS A 35 -7.43 26.53 -5.51
CA LYS A 35 -6.34 26.58 -4.52
C LYS A 35 -6.62 27.57 -3.41
N LYS A 36 -6.93 28.80 -3.79
CA LYS A 36 -7.23 29.88 -2.85
C LYS A 36 -8.54 29.64 -2.12
N GLU A 37 -9.54 29.17 -2.85
CA GLU A 37 -10.87 28.98 -2.27
C GLU A 37 -10.92 27.86 -1.24
N ARG A 38 -10.14 26.81 -1.47
CA ARG A 38 -10.07 25.71 -0.52
C ARG A 38 -8.96 25.94 0.51
N ASN A 39 -8.06 26.87 0.21
CA ASN A 39 -6.80 27.05 0.95
C ASN A 39 -5.97 25.77 0.91
N ALA A 40 -5.52 25.42 -0.31
CA ALA A 40 -4.84 24.15 -0.55
C ALA A 40 -3.43 24.32 -1.12
N ILE A 41 -2.56 23.38 -0.78
CA ILE A 41 -1.25 23.29 -1.43
C ILE A 41 -1.21 21.95 -2.16
N ILE A 42 -0.51 21.92 -3.29
CA ILE A 42 -0.45 20.69 -4.08
C ILE A 42 0.98 20.18 -4.13
N LEU A 43 1.15 18.94 -3.70
CA LEU A 43 2.44 18.27 -3.71
C LEU A 43 2.40 17.16 -4.74
N ALA A 44 3.47 17.04 -5.51
CA ALA A 44 3.54 15.98 -6.51
C ALA A 44 4.92 15.34 -6.48
N HIS A 45 4.95 14.04 -6.73
CA HIS A 45 6.18 13.28 -6.82
C HIS A 45 6.91 13.54 -8.15
N ASN A 46 8.23 13.34 -8.15
CA ASN A 46 9.04 13.52 -9.35
C ASN A 46 8.66 12.62 -10.52
N TYR A 47 8.00 11.49 -10.24
CA TYR A 47 7.63 10.55 -11.30
C TYR A 47 6.19 10.76 -11.81
N GLN A 48 5.55 11.83 -11.37
CA GLN A 48 4.21 12.15 -11.83
C GLN A 48 4.27 12.75 -13.24
N LEU A 49 3.11 12.90 -13.88
CA LEU A 49 3.05 13.53 -15.19
C LEU A 49 3.41 15.01 -15.12
N PRO A 50 4.09 15.51 -16.18
CA PRO A 50 4.50 16.91 -16.30
C PRO A 50 3.36 17.88 -16.04
N GLU A 51 2.19 17.60 -16.59
CA GLU A 51 1.03 18.47 -16.43
C GLU A 51 0.60 18.60 -14.97
N VAL A 52 0.77 17.51 -14.22
CA VAL A 52 0.48 17.49 -12.80
C VAL A 52 1.53 18.28 -12.02
N GLN A 53 2.80 18.05 -12.36
CA GLN A 53 3.91 18.79 -11.76
C GLN A 53 3.77 20.30 -11.97
N ASP A 54 3.24 20.68 -13.13
CA ASP A 54 3.09 22.10 -13.47
C ASP A 54 2.19 22.83 -12.47
N VAL A 55 1.03 22.26 -12.18
CA VAL A 55 0.11 22.91 -11.23
C VAL A 55 0.51 22.68 -9.77
N ALA A 56 1.44 21.75 -9.56
CA ALA A 56 1.89 21.44 -8.21
C ALA A 56 2.72 22.59 -7.66
N ASP A 57 2.57 22.84 -6.37
CA ASP A 57 3.33 23.90 -5.70
C ASP A 57 4.72 23.39 -5.35
N PHE A 58 4.79 22.11 -5.02
CA PHE A 58 6.05 21.46 -4.69
C PHE A 58 6.17 20.11 -5.38
N VAL A 59 7.35 19.86 -5.95
CA VAL A 59 7.62 18.60 -6.63
C VAL A 59 8.93 18.04 -6.07
N GLY A 60 8.94 16.76 -5.73
CA GLY A 60 10.14 16.15 -5.19
C GLY A 60 10.15 14.64 -5.10
N ASP A 61 11.14 14.10 -4.39
CA ASP A 61 11.20 12.67 -4.14
C ASP A 61 10.41 12.34 -2.89
N SER A 62 10.34 11.05 -2.55
CA SER A 62 9.54 10.61 -1.42
C SER A 62 9.97 11.27 -0.11
N LEU A 63 11.28 11.40 0.09
CA LEU A 63 11.78 12.01 1.31
C LEU A 63 11.49 13.50 1.34
N GLU A 64 11.78 14.20 0.24
CA GLU A 64 11.51 15.64 0.15
C GLU A 64 10.04 15.94 0.44
N LEU A 65 9.15 15.13 -0.12
CA LEU A 65 7.71 15.28 0.10
C LEU A 65 7.34 15.03 1.56
N ALA A 66 7.96 14.03 2.17
CA ALA A 66 7.73 13.75 3.58
C ALA A 66 8.15 14.94 4.42
N ARG A 67 9.30 15.52 4.11
CA ARG A 67 9.81 16.67 4.86
C ARG A 67 8.94 17.90 4.57
N LYS A 68 8.58 18.09 3.31
CA LYS A 68 7.71 19.22 2.95
C LYS A 68 6.36 19.14 3.66
N ALA A 69 5.90 17.93 3.93
CA ALA A 69 4.62 17.73 4.59
C ALA A 69 4.58 18.11 6.08
N THR A 70 5.75 18.31 6.70
CA THR A 70 5.78 18.77 8.09
C THR A 70 5.76 20.30 8.16
N LYS A 71 5.90 20.93 7.00
CA LYS A 71 5.95 22.39 6.93
C LYS A 71 4.79 23.02 6.12
N VAL A 72 3.61 22.41 6.22
CA VAL A 72 2.43 22.93 5.52
C VAL A 72 1.54 23.72 6.49
N ASP A 73 1.09 24.90 6.08
CA ASP A 73 0.19 25.69 6.92
C ASP A 73 -1.22 25.76 6.32
N ALA A 74 -1.33 25.32 5.06
CA ALA A 74 -2.61 25.26 4.37
C ALA A 74 -3.56 24.28 5.06
N ASP A 75 -4.86 24.47 4.87
CA ASP A 75 -5.85 23.61 5.50
C ASP A 75 -6.02 22.33 4.73
N VAL A 76 -5.58 22.35 3.47
CA VAL A 76 -5.76 21.23 2.56
C VAL A 76 -4.48 20.88 1.81
N ILE A 77 -4.18 19.59 1.71
CA ILE A 77 -3.02 19.13 0.96
C ILE A 77 -3.49 18.17 -0.13
N VAL A 78 -3.23 18.50 -1.39
CA VAL A 78 -3.47 17.56 -2.47
C VAL A 78 -2.18 16.81 -2.74
N PHE A 79 -2.19 15.51 -2.50
CA PHE A 79 -0.98 14.73 -2.67
C PHE A 79 -0.98 14.00 -3.99
N ALA A 80 -0.43 14.64 -5.00
CA ALA A 80 -0.28 14.01 -6.30
C ALA A 80 0.85 13.00 -6.21
N GLY A 81 0.51 11.81 -5.71
CA GLY A 81 1.50 10.77 -5.55
C GLY A 81 0.84 9.45 -5.19
N VAL A 82 1.69 8.46 -4.94
CA VAL A 82 1.27 7.10 -4.63
C VAL A 82 0.63 7.03 -3.24
N ASP A 83 -0.19 6.00 -2.97
CA ASP A 83 -1.03 5.99 -1.77
C ASP A 83 -0.28 6.06 -0.42
N PHE A 84 0.67 5.14 -0.21
CA PHE A 84 1.39 5.11 1.06
C PHE A 84 2.13 6.41 1.41
N MET A 85 2.45 7.22 0.40
CA MET A 85 3.07 8.52 0.63
C MET A 85 2.01 9.55 0.98
N ALA A 86 0.85 9.42 0.36
CA ALA A 86 -0.29 10.27 0.70
C ALA A 86 -0.62 9.99 2.16
N GLU A 87 -0.76 8.72 2.51
CA GLU A 87 -0.99 8.31 3.90
C GLU A 87 0.07 8.84 4.85
N THR A 88 1.31 8.84 4.40
CA THR A 88 2.40 9.31 5.25
C THR A 88 2.28 10.80 5.56
N ALA A 89 1.79 11.57 4.58
CA ALA A 89 1.56 12.99 4.80
C ALA A 89 0.41 13.27 5.76
N LYS A 90 -0.66 12.48 5.65
CA LYS A 90 -1.78 12.60 6.59
C LYS A 90 -1.33 12.33 8.02
N ILE A 91 -0.45 11.33 8.20
CA ILE A 91 0.08 11.02 9.52
C ILE A 91 0.85 12.21 10.10
N LEU A 92 1.47 12.98 9.21
CA LEU A 92 2.14 14.19 9.63
C LEU A 92 1.15 15.36 9.80
N ASN A 93 -0.06 15.21 9.26
CA ASN A 93 -1.05 16.28 9.33
C ASN A 93 -2.44 15.82 9.73
N PRO A 94 -2.61 15.45 11.01
CA PRO A 94 -3.89 14.90 11.48
C PRO A 94 -5.00 15.93 11.45
N ASP A 95 -4.64 17.20 11.65
CA ASP A 95 -5.64 18.26 11.74
C ASP A 95 -5.85 19.00 10.42
N LYS A 96 -5.29 18.46 9.35
CA LYS A 96 -5.53 19.01 8.02
C LYS A 96 -6.29 18.02 7.15
N ILE A 97 -6.70 18.46 5.97
CA ILE A 97 -7.34 17.56 5.01
C ILE A 97 -6.36 17.14 3.92
N VAL A 98 -6.04 15.85 3.88
CA VAL A 98 -5.16 15.35 2.84
C VAL A 98 -5.96 14.62 1.78
N LEU A 99 -5.73 15.00 0.53
CA LEU A 99 -6.46 14.45 -0.60
C LEU A 99 -5.54 13.72 -1.56
N ILE A 100 -6.02 12.62 -2.10
CA ILE A 100 -5.32 11.89 -3.15
C ILE A 100 -6.21 11.90 -4.40
N PRO A 101 -5.69 12.45 -5.51
CA PRO A 101 -6.53 12.70 -6.68
C PRO A 101 -7.24 11.47 -7.27
N ASN A 102 -6.63 10.29 -7.19
CA ASN A 102 -7.27 9.11 -7.78
C ASN A 102 -7.73 8.06 -6.77
N LYS A 103 -8.51 7.09 -7.24
CA LYS A 103 -9.05 6.03 -6.40
C LYS A 103 -7.98 4.96 -6.16
N ARG A 104 -8.12 4.20 -5.08
CA ARG A 104 -7.08 3.24 -4.68
C ARG A 104 -7.58 1.80 -4.64
N MET A 109 1.08 -4.75 -2.30
CA MET A 109 1.71 -5.74 -1.43
C MET A 109 2.41 -5.10 -0.22
N ALA A 110 1.66 -4.25 0.49
CA ALA A 110 2.13 -3.66 1.75
C ALA A 110 1.35 -4.25 2.93
N ASN A 111 0.16 -4.77 2.64
CA ASN A 111 -0.69 -5.43 3.63
C ASN A 111 -0.17 -6.83 3.95
N MET A 112 1.02 -7.15 3.45
CA MET A 112 1.68 -8.41 3.74
C MET A 112 2.22 -8.42 5.16
N LEU A 113 2.63 -7.25 5.65
CA LEU A 113 3.21 -7.14 6.98
C LEU A 113 2.14 -6.98 8.06
N LYS A 114 2.15 -7.89 9.02
CA LYS A 114 1.24 -7.80 10.15
C LYS A 114 2.02 -7.46 11.41
N VAL A 115 1.32 -6.91 12.40
CA VAL A 115 1.95 -6.57 13.66
C VAL A 115 2.57 -7.80 14.33
N LYS A 116 1.90 -8.95 14.21
CA LYS A 116 2.41 -10.20 14.78
C LYS A 116 3.83 -10.51 14.32
N HIS A 117 4.12 -10.19 13.07
CA HIS A 117 5.44 -10.38 12.51
C HIS A 117 6.48 -9.58 13.24
N ILE A 118 6.14 -8.36 13.60
CA ILE A 118 7.07 -7.50 14.32
C ILE A 118 7.29 -8.00 15.74
N LEU A 119 6.25 -8.54 16.36
CA LEU A 119 6.37 -9.05 17.73
C LEU A 119 7.23 -10.30 17.78
N GLU A 120 7.05 -11.20 16.82
CA GLU A 120 7.85 -12.43 16.74
C GLU A 120 9.31 -12.15 16.42
N ALA A 121 9.56 -11.07 15.67
CA ALA A 121 10.91 -10.66 15.31
C ALA A 121 11.59 -9.92 16.45
N LYS A 122 10.82 -9.18 17.24
CA LYS A 122 11.35 -8.49 18.41
C LYS A 122 11.57 -9.45 19.57
N LYS A 123 10.96 -10.62 19.48
CA LYS A 123 11.10 -11.65 20.50
C LYS A 123 12.45 -12.35 20.38
N LYS A 124 12.87 -12.62 19.15
CA LYS A 124 14.12 -13.32 18.88
C LYS A 124 15.31 -12.39 18.83
N TYR A 125 15.05 -11.13 18.45
CA TYR A 125 16.11 -10.15 18.31
C TYR A 125 15.70 -8.87 19.01
N PRO A 126 15.63 -8.92 20.35
CA PRO A 126 14.98 -7.86 21.14
C PRO A 126 15.71 -6.53 21.10
N ASN A 127 17.01 -6.55 20.79
CA ASN A 127 17.75 -5.30 20.70
C ASN A 127 17.90 -4.77 19.28
N ALA A 128 17.22 -5.40 18.33
CA ALA A 128 17.24 -4.94 16.94
C ALA A 128 16.14 -3.92 16.66
N PRO A 129 16.51 -2.75 16.14
CA PRO A 129 15.53 -1.73 15.76
C PRO A 129 14.56 -2.25 14.70
N VAL A 130 13.33 -1.78 14.72
CA VAL A 130 12.38 -2.12 13.66
C VAL A 130 12.33 -1.00 12.62
N VAL A 131 12.87 -1.30 11.45
CA VAL A 131 12.87 -0.34 10.34
C VAL A 131 11.85 -0.75 9.27
N LEU A 132 10.93 0.16 8.95
CA LEU A 132 9.90 -0.12 7.94
C LEU A 132 10.07 0.76 6.73
N TYR A 133 10.06 0.15 5.54
CA TYR A 133 9.97 0.89 4.28
C TYR A 133 8.66 1.68 4.29
N VAL A 134 8.69 2.88 3.72
CA VAL A 134 7.51 3.74 3.77
C VAL A 134 6.23 3.05 3.27
N ASN A 135 6.35 2.18 2.27
CA ASN A 135 5.19 1.43 1.82
C ASN A 135 4.79 0.33 2.81
N SER A 136 4.10 0.73 3.88
CA SER A 136 3.66 -0.19 4.91
C SER A 136 2.42 0.38 5.59
N THR A 137 1.62 -0.47 6.22
CA THR A 137 0.42 -0.01 6.93
C THR A 137 0.81 0.91 8.06
N ALA A 138 -0.04 1.89 8.35
CA ALA A 138 0.16 2.75 9.52
C ALA A 138 0.14 1.90 10.78
N GLU A 139 -0.68 0.86 10.76
CA GLU A 139 -0.81 -0.03 11.91
C GLU A 139 0.53 -0.66 12.26
N THR A 140 1.39 -0.82 11.28
CA THR A 140 2.71 -1.40 11.52
C THR A 140 3.77 -0.33 11.77
N LYS A 141 3.57 0.87 11.23
CA LYS A 141 4.47 1.96 11.53
C LYS A 141 4.38 2.31 13.02
N ALA A 142 3.25 1.96 13.63
CA ALA A 142 3.05 2.16 15.06
C ALA A 142 3.92 1.25 15.90
N TYR A 143 4.52 0.24 15.28
CA TYR A 143 5.43 -0.66 15.98
C TYR A 143 6.83 -0.56 15.39
N ALA A 144 7.14 0.56 14.76
CA ALA A 144 8.47 0.71 14.18
C ALA A 144 9.25 1.83 14.81
N ASP A 145 10.57 1.71 14.77
CA ASP A 145 11.44 2.74 15.31
C ASP A 145 11.67 3.85 14.29
N VAL A 146 11.84 3.47 13.04
CA VAL A 146 12.09 4.45 12.01
C VAL A 146 11.63 3.91 10.65
N THR A 147 11.24 4.82 9.75
CA THR A 147 10.90 4.42 8.39
C THR A 147 12.02 4.80 7.43
N VAL A 148 12.01 4.22 6.24
CA VAL A 148 12.98 4.58 5.21
C VAL A 148 12.29 4.67 3.86
N THR A 149 12.87 5.46 2.98
CA THR A 149 12.54 5.41 1.56
C THR A 149 13.70 4.69 0.89
N SER A 150 13.58 4.38 -0.40
CA SER A 150 14.62 3.64 -1.10
C SER A 150 15.96 4.36 -1.10
N ALA A 151 15.90 5.69 -1.06
CA ALA A 151 17.09 6.50 -1.21
C ALA A 151 17.81 6.78 0.09
N ASN A 152 17.14 6.50 1.21
CA ASN A 152 17.77 6.74 2.50
C ASN A 152 17.90 5.49 3.38
N ALA A 153 17.42 4.36 2.86
CA ALA A 153 17.44 3.10 3.61
C ALA A 153 18.83 2.66 4.04
N VAL A 154 19.79 2.77 3.13
CA VAL A 154 21.16 2.40 3.46
C VAL A 154 21.78 3.42 4.40
N ASP A 155 21.50 4.69 4.14
CA ASP A 155 22.02 5.78 4.95
C ASP A 155 21.63 5.60 6.41
N ILE A 156 20.34 5.37 6.63
CA ILE A 156 19.79 5.25 7.96
C ILE A 156 20.12 3.92 8.65
N ILE A 157 20.01 2.82 7.92
CA ILE A 157 20.34 1.50 8.48
C ILE A 157 21.82 1.39 8.88
N ARG A 158 22.68 2.11 8.17
CA ARG A 158 24.08 2.18 8.59
C ARG A 158 24.19 2.95 9.91
N LYS A 159 23.44 4.05 10.02
CA LYS A 159 23.48 4.92 11.19
C LYS A 159 23.01 4.29 12.50
N LEU A 160 22.04 3.37 12.43
CA LEU A 160 21.56 2.69 13.63
C LEU A 160 22.70 1.96 14.31
N ASP A 161 22.79 2.10 15.63
CA ASP A 161 23.89 1.53 16.40
C ASP A 161 23.99 0.02 16.24
N SER A 162 22.86 -0.68 16.35
CA SER A 162 22.83 -2.13 16.21
C SER A 162 23.38 -2.59 14.87
N ASP A 163 23.99 -3.77 14.86
CA ASP A 163 24.43 -4.39 13.60
C ASP A 163 23.38 -5.42 13.14
N VAL A 164 22.40 -5.68 14.01
CA VAL A 164 21.24 -6.49 13.68
C VAL A 164 20.03 -5.58 13.53
N ILE A 165 19.37 -5.64 12.36
CA ILE A 165 18.25 -4.75 12.05
C ILE A 165 17.04 -5.55 11.56
N ILE A 166 15.85 -5.22 12.08
CA ILE A 166 14.61 -5.78 11.53
C ILE A 166 14.04 -4.84 10.45
N PHE A 167 13.67 -5.41 9.30
CA PHE A 167 13.42 -4.60 8.11
C PHE A 167 12.36 -5.24 7.20
N GLY A 168 11.38 -4.44 6.80
CA GLY A 168 10.34 -4.90 5.88
C GLY A 168 9.51 -3.74 5.37
N PRO A 169 8.51 -4.03 4.52
CA PRO A 169 8.11 -5.38 4.07
C PRO A 169 8.72 -5.73 2.72
N ASP A 170 9.65 -4.91 2.24
CA ASP A 170 10.16 -5.04 0.89
C ASP A 170 11.46 -5.87 0.82
N LYS A 171 11.32 -7.14 0.46
CA LYS A 171 12.44 -8.09 0.42
C LYS A 171 13.61 -7.62 -0.42
N ASN A 172 13.32 -7.24 -1.66
CA ASN A 172 14.31 -6.64 -2.55
C ASN A 172 15.17 -5.58 -1.87
N LEU A 173 14.52 -4.59 -1.26
CA LEU A 173 15.23 -3.52 -0.56
C LEU A 173 16.03 -4.09 0.62
N ALA A 174 15.41 -5.02 1.34
CA ALA A 174 16.10 -5.68 2.45
C ALA A 174 17.38 -6.38 2.00
N HIS A 175 17.30 -7.18 0.93
CA HIS A 175 18.49 -7.81 0.38
C HIS A 175 19.51 -6.77 -0.06
N TYR A 176 19.04 -5.71 -0.69
CA TYR A 176 19.93 -4.70 -1.21
C TYR A 176 20.73 -4.04 -0.08
N VAL A 177 20.03 -3.60 0.96
CA VAL A 177 20.67 -3.02 2.13
C VAL A 177 21.65 -3.98 2.79
N ALA A 178 21.21 -5.22 2.98
CA ALA A 178 22.07 -6.28 3.49
C ALA A 178 23.40 -6.33 2.75
N LYS A 179 23.32 -6.28 1.42
CA LYS A 179 24.49 -6.43 0.54
C LYS A 179 25.43 -5.23 0.65
N VAL A 180 24.86 -4.05 0.87
CA VAL A 180 25.65 -2.83 0.86
C VAL A 180 26.24 -2.48 2.23
N THR A 181 25.50 -2.76 3.30
CA THR A 181 25.97 -2.44 4.65
C THR A 181 26.63 -3.62 5.33
N GLY A 182 26.33 -4.83 4.87
CA GLY A 182 26.91 -6.04 5.44
C GLY A 182 26.29 -6.45 6.76
N LYS A 183 25.41 -5.59 7.29
CA LYS A 183 24.72 -5.86 8.55
C LYS A 183 23.77 -7.03 8.47
N THR A 184 23.30 -7.46 9.63
CA THR A 184 22.44 -8.63 9.73
C THR A 184 21.00 -8.17 9.58
N ILE A 185 20.40 -8.47 8.43
CA ILE A 185 19.08 -7.96 8.13
C ILE A 185 18.02 -9.04 8.32
N ILE A 186 17.19 -8.87 9.34
CA ILE A 186 16.11 -9.79 9.65
C ILE A 186 14.84 -9.27 8.99
N PRO A 187 14.41 -9.95 7.92
CA PRO A 187 13.29 -9.44 7.14
C PRO A 187 11.95 -9.75 7.80
N ILE A 188 11.01 -8.83 7.65
CA ILE A 188 9.64 -9.07 8.02
C ILE A 188 8.76 -8.72 6.82
N PRO A 189 7.77 -9.58 6.51
CA PRO A 189 7.49 -10.88 7.13
C PRO A 189 8.63 -11.85 6.89
N PRO A 190 8.81 -12.84 7.78
CA PRO A 190 9.96 -13.72 7.63
C PRO A 190 9.84 -14.57 6.37
N GLU A 191 10.97 -14.90 5.75
CA GLU A 191 10.95 -15.74 4.56
C GLU A 191 10.93 -17.23 4.93
N GLY A 192 10.67 -18.07 3.94
CA GLY A 192 10.53 -19.50 4.18
C GLY A 192 9.08 -19.86 4.45
N HIS A 193 8.18 -18.91 4.16
CA HIS A 193 6.75 -19.09 4.34
C HIS A 193 6.04 -18.70 3.04
N CYS A 194 4.90 -19.34 2.73
CA CYS A 194 4.11 -18.96 1.56
C CYS A 194 2.97 -18.02 1.94
N TYR A 195 2.83 -16.92 1.21
CA TYR A 195 1.87 -15.88 1.55
C TYR A 195 0.79 -15.69 0.50
N VAL A 196 0.59 -16.73 -0.31
CA VAL A 196 -0.35 -16.66 -1.42
C VAL A 196 -1.77 -16.37 -0.93
N HIS A 197 -2.23 -17.14 0.06
CA HIS A 197 -3.59 -17.01 0.56
C HIS A 197 -3.86 -15.70 1.31
N LYS A 198 -2.79 -15.03 1.73
CA LYS A 198 -2.92 -13.79 2.46
C LYS A 198 -3.08 -12.59 1.54
N LYS A 199 -2.58 -12.73 0.32
CA LYS A 199 -2.63 -11.65 -0.65
C LYS A 199 -3.98 -11.55 -1.34
N PHE A 200 -4.96 -12.33 -0.85
CA PHE A 200 -6.34 -12.19 -1.31
C PHE A 200 -7.04 -11.16 -0.44
N THR A 201 -7.97 -10.40 -1.03
CA THR A 201 -8.68 -9.36 -0.28
C THR A 201 -10.18 -9.31 -0.55
N ILE A 202 -10.89 -8.55 0.27
CA ILE A 202 -12.33 -8.38 0.14
C ILE A 202 -12.69 -7.74 -1.20
N GLU A 203 -11.77 -6.93 -1.74
CA GLU A 203 -11.99 -6.29 -3.03
C GLU A 203 -11.82 -7.31 -4.16
N ASP A 204 -11.03 -8.34 -3.89
CA ASP A 204 -10.85 -9.44 -4.85
C ASP A 204 -12.09 -10.31 -4.89
N VAL A 205 -12.83 -10.32 -3.78
CA VAL A 205 -14.08 -11.05 -3.69
C VAL A 205 -15.16 -10.37 -4.52
N GLU A 206 -15.30 -9.06 -4.32
CA GLU A 206 -16.33 -8.28 -5.01
C GLU A 206 -16.11 -8.27 -6.53
N ARG A 207 -14.85 -8.30 -6.95
CA ARG A 207 -14.53 -8.34 -8.37
C ARG A 207 -14.97 -9.68 -8.99
N ALA A 208 -14.95 -10.72 -8.18
CA ALA A 208 -15.40 -12.04 -8.62
C ALA A 208 -16.92 -12.18 -8.57
N LYS A 209 -17.64 -11.07 -8.53
CA LYS A 209 -19.09 -11.08 -8.55
C LYS A 209 -19.62 -10.13 -9.64
N LYS A 210 -19.07 -8.93 -9.70
CA LYS A 210 -19.37 -7.99 -10.78
C LYS A 210 -18.92 -8.63 -12.09
N LEU A 211 -17.83 -9.38 -12.00
CA LEU A 211 -17.39 -10.25 -13.09
C LEU A 211 -17.65 -11.68 -12.66
N HIS A 212 -17.75 -12.60 -13.63
CA HIS A 212 -18.17 -13.98 -13.36
C HIS A 212 -19.36 -14.08 -12.41
N PRO A 213 -20.47 -13.37 -12.73
CA PRO A 213 -21.59 -13.23 -11.80
C PRO A 213 -22.33 -14.54 -11.54
N ASN A 214 -22.40 -15.39 -12.55
CA ASN A 214 -22.97 -16.72 -12.41
C ASN A 214 -21.90 -17.74 -12.06
N ALA A 215 -21.45 -17.74 -10.81
CA ALA A 215 -20.41 -18.66 -10.34
C ALA A 215 -20.32 -18.62 -8.81
N LYS A 216 -19.97 -19.75 -8.20
CA LYS A 216 -19.77 -19.81 -6.75
C LYS A 216 -18.28 -19.80 -6.40
N LEU A 217 -17.97 -19.42 -5.17
CA LEU A 217 -16.58 -19.13 -4.78
C LEU A 217 -15.95 -20.17 -3.85
N MET A 218 -14.78 -20.68 -4.22
CA MET A 218 -13.95 -21.51 -3.35
C MET A 218 -12.96 -20.65 -2.59
N VAL A 219 -12.80 -20.90 -1.30
CA VAL A 219 -11.82 -20.17 -0.49
C VAL A 219 -11.04 -21.13 0.41
N HIS A 220 -9.71 -21.07 0.31
CA HIS A 220 -8.83 -21.85 1.18
C HIS A 220 -8.94 -21.31 2.60
N PRO A 221 -8.93 -22.22 3.59
CA PRO A 221 -9.00 -21.87 5.01
C PRO A 221 -8.03 -20.79 5.45
N GLU A 222 -6.84 -20.76 4.85
CA GLU A 222 -5.79 -19.83 5.26
C GLU A 222 -5.99 -18.40 4.76
N CYS A 223 -7.13 -18.12 4.14
CA CYS A 223 -7.41 -16.77 3.65
C CYS A 223 -7.78 -15.81 4.77
N ASN A 224 -7.80 -14.52 4.44
CA ASN A 224 -8.29 -13.47 5.32
C ASN A 224 -9.64 -13.87 5.88
N PRO A 225 -9.84 -13.68 7.19
CA PRO A 225 -11.14 -13.98 7.81
C PRO A 225 -12.26 -13.14 7.20
N GLU A 226 -11.94 -11.90 6.81
CA GLU A 226 -12.89 -11.06 6.09
C GLU A 226 -13.26 -11.73 4.77
N VAL A 227 -12.26 -12.32 4.12
CA VAL A 227 -12.47 -13.06 2.88
C VAL A 227 -13.26 -14.36 3.14
N GLN A 228 -13.00 -14.99 4.28
CA GLN A 228 -13.69 -16.21 4.66
C GLN A 228 -15.20 -16.02 4.85
N GLU A 229 -15.59 -14.81 5.25
CA GLU A 229 -17.00 -14.51 5.53
C GLU A 229 -17.86 -14.56 4.26
N HIS A 230 -17.36 -13.95 3.19
CA HIS A 230 -18.10 -13.88 1.93
C HIS A 230 -17.89 -15.14 1.11
N ALA A 231 -17.15 -16.10 1.68
CA ALA A 231 -16.88 -17.36 1.01
C ALA A 231 -18.12 -18.23 0.95
N ASP A 232 -18.58 -18.53 -0.26
CA ASP A 232 -19.68 -19.46 -0.47
C ASP A 232 -19.36 -20.79 0.22
N ILE A 233 -18.50 -21.58 -0.41
CA ILE A 233 -17.99 -22.79 0.23
C ILE A 233 -16.52 -22.61 0.64
N ILE A 234 -16.15 -23.22 1.76
CA ILE A 234 -14.78 -23.13 2.25
C ILE A 234 -14.16 -24.53 2.27
N VAL A 235 -13.14 -24.74 1.44
CA VAL A 235 -12.51 -26.05 1.33
C VAL A 235 -11.00 -25.94 1.28
N SER A 236 -10.32 -26.96 1.76
CA SER A 236 -8.87 -27.04 1.61
C SER A 236 -8.55 -27.64 0.26
N THR A 237 -7.27 -27.87 0.01
CA THR A 237 -6.78 -28.36 -1.28
C THR A 237 -7.50 -29.65 -1.73
N GLY A 238 -7.74 -30.54 -0.78
CA GLY A 238 -8.43 -31.78 -1.07
C GLY A 238 -9.93 -31.57 -1.15
N GLY A 239 -10.43 -30.66 -0.32
CA GLY A 239 -11.85 -30.34 -0.32
C GLY A 239 -12.26 -29.68 -1.62
N MET A 240 -11.31 -29.00 -2.26
CA MET A 240 -11.53 -28.35 -3.55
C MET A 240 -11.64 -29.38 -4.67
N ILE A 241 -10.74 -30.37 -4.64
CA ILE A 241 -10.69 -31.38 -5.70
C ILE A 241 -11.75 -32.45 -5.53
N ARG A 242 -12.74 -32.17 -4.67
CA ARG A 242 -13.83 -33.10 -4.42
C ARG A 242 -15.18 -32.43 -4.64
N ARG A 243 -15.36 -31.28 -4.00
CA ARG A 243 -16.62 -30.53 -4.07
C ARG A 243 -16.68 -29.64 -5.30
N ALA A 244 -15.79 -29.88 -6.25
CA ALA A 244 -15.78 -29.15 -7.53
C ALA A 244 -16.78 -29.76 -8.50
N CYS A 245 -18.00 -29.97 -8.02
CA CYS A 245 -19.06 -30.59 -8.82
C CYS A 245 -20.41 -29.96 -8.46
N GLU A 246 -20.38 -28.72 -7.99
CA GLU A 246 -21.58 -28.02 -7.58
C GLU A 246 -21.72 -26.69 -8.34
N TRP A 247 -21.10 -26.65 -9.51
CA TRP A 247 -21.17 -25.53 -10.44
C TRP A 247 -20.39 -25.92 -11.70
N ASP A 248 -20.61 -25.21 -12.79
CA ASP A 248 -19.94 -25.51 -14.06
C ASP A 248 -18.50 -24.97 -14.10
N GLU A 249 -18.34 -23.72 -13.69
CA GLU A 249 -17.02 -23.10 -13.56
C GLU A 249 -16.92 -22.38 -12.22
N TRP A 250 -15.73 -22.42 -11.61
CA TRP A 250 -15.55 -21.88 -10.26
C TRP A 250 -14.64 -20.66 -10.21
N VAL A 251 -14.58 -20.04 -9.03
CA VAL A 251 -13.62 -18.97 -8.73
C VAL A 251 -12.78 -19.39 -7.53
N VAL A 252 -11.56 -19.86 -7.79
CA VAL A 252 -10.73 -20.49 -6.76
C VAL A 252 -9.74 -19.55 -6.09
N PHE A 253 -9.95 -19.32 -4.80
CA PHE A 253 -9.06 -18.49 -4.00
C PHE A 253 -7.92 -19.30 -3.37
N THR A 254 -6.98 -19.73 -4.20
CA THR A 254 -5.81 -20.49 -3.74
C THR A 254 -4.67 -20.33 -4.75
N GLU A 255 -3.66 -21.18 -4.61
CA GLU A 255 -2.55 -21.21 -5.57
C GLU A 255 -3.08 -21.50 -6.96
N ARG A 256 -2.54 -20.82 -7.97
CA ARG A 256 -3.03 -20.93 -9.34
C ARG A 256 -2.87 -22.31 -9.97
N GLU A 257 -1.95 -23.10 -9.42
CA GLU A 257 -1.77 -24.47 -9.88
C GLU A 257 -3.08 -25.23 -9.76
N MET A 258 -3.83 -24.90 -8.73
CA MET A 258 -5.06 -25.61 -8.40
C MET A 258 -6.19 -25.27 -9.36
N VAL A 259 -6.00 -24.21 -10.13
CA VAL A 259 -6.96 -23.84 -11.16
C VAL A 259 -6.79 -24.73 -12.38
N TYR A 260 -5.54 -24.93 -12.79
CA TYR A 260 -5.23 -25.81 -13.90
C TYR A 260 -5.52 -27.26 -13.55
N ARG A 261 -5.36 -27.60 -12.27
CA ARG A 261 -5.59 -28.97 -11.79
C ARG A 261 -7.07 -29.34 -11.76
N LEU A 262 -7.92 -28.44 -11.30
CA LEU A 262 -9.36 -28.66 -11.34
C LEU A 262 -9.82 -28.66 -12.80
N SER A 263 -9.17 -27.84 -13.62
CA SER A 263 -9.47 -27.72 -15.04
C SER A 263 -9.28 -29.06 -15.76
N LYS A 264 -8.11 -29.66 -15.58
CA LYS A 264 -7.80 -30.95 -16.18
C LYS A 264 -8.72 -32.04 -15.64
N LEU A 265 -9.02 -31.97 -14.34
CA LEU A 265 -9.91 -32.93 -13.70
C LEU A 265 -11.32 -32.89 -14.29
N TYR A 266 -11.94 -31.72 -14.27
CA TYR A 266 -13.33 -31.59 -14.71
C TYR A 266 -13.49 -30.56 -15.85
N PRO A 267 -13.24 -31.00 -17.10
CA PRO A 267 -13.35 -30.14 -18.30
C PRO A 267 -14.75 -29.57 -18.53
N ASN A 268 -15.68 -29.97 -17.67
CA ASN A 268 -17.02 -29.38 -17.66
C ASN A 268 -17.53 -29.30 -16.22
N PHE A 271 -13.11 -22.99 -14.70
CA PHE A 271 -12.34 -22.54 -13.54
C PHE A 271 -11.54 -21.27 -13.81
N TYR A 272 -11.76 -20.23 -13.02
CA TYR A 272 -11.07 -18.96 -13.18
C TYR A 272 -10.31 -18.57 -11.93
N PRO A 273 -9.04 -18.13 -12.09
CA PRO A 273 -8.22 -17.70 -10.93
C PRO A 273 -8.89 -16.55 -10.20
N ALA A 274 -8.63 -16.43 -8.90
CA ALA A 274 -9.28 -15.40 -8.09
C ALA A 274 -8.76 -14.02 -8.44
N LYS A 275 -7.48 -13.95 -8.78
CA LYS A 275 -6.88 -12.68 -9.17
C LYS A 275 -6.44 -12.76 -10.62
N GLU A 276 -6.35 -11.60 -11.27
CA GLU A 276 -5.85 -11.53 -12.63
C GLU A 276 -4.32 -11.50 -12.60
N ASP A 277 -3.71 -11.72 -13.76
CA ASP A 277 -2.26 -11.66 -13.89
C ASP A 277 -1.75 -10.28 -13.52
N ALA A 278 -2.31 -9.26 -14.16
CA ALA A 278 -1.89 -7.88 -13.90
C ALA A 278 -2.03 -7.50 -12.42
N VAL A 279 -1.01 -6.82 -11.89
CA VAL A 279 -1.07 -6.33 -10.53
C VAL A 279 -1.69 -4.93 -10.50
N CYS A 280 -2.32 -4.61 -9.38
CA CYS A 280 -3.03 -3.35 -9.17
C CYS A 280 -3.60 -2.73 -10.45
N VAL A 281 -4.36 -3.52 -11.19
CA VAL A 281 -5.08 -3.01 -12.35
C VAL A 281 -6.33 -2.26 -11.86
N GLY A 282 -6.83 -1.37 -12.70
CA GLY A 282 -7.91 -0.49 -12.28
C GLY A 282 -7.33 0.85 -11.89
N MET A 283 -6.11 0.83 -11.34
CA MET A 283 -5.41 2.07 -11.03
C MET A 283 -5.28 2.93 -12.29
N LYS A 284 -5.64 4.21 -12.16
CA LYS A 284 -5.51 5.17 -13.24
C LYS A 284 -4.43 6.16 -12.85
N ALA A 285 -3.59 6.55 -13.79
CA ALA A 285 -2.60 7.59 -13.53
C ALA A 285 -3.31 8.88 -13.20
N ILE A 286 -2.67 9.73 -12.39
CA ILE A 286 -3.24 11.00 -11.98
C ILE A 286 -3.01 12.01 -13.10
N THR A 287 -4.11 12.53 -13.64
CA THR A 287 -4.05 13.49 -14.74
C THR A 287 -4.45 14.86 -14.23
N LEU A 288 -4.27 15.88 -15.07
CA LEU A 288 -4.66 17.25 -14.73
C LEU A 288 -6.12 17.34 -14.29
N GLN A 289 -6.97 16.52 -14.88
CA GLN A 289 -8.39 16.49 -14.55
C GLN A 289 -8.61 15.95 -13.15
N HIS A 290 -7.81 14.96 -12.76
CA HIS A 290 -7.92 14.37 -11.42
C HIS A 290 -7.66 15.42 -10.35
N VAL A 291 -6.66 16.25 -10.57
CA VAL A 291 -6.31 17.31 -9.63
C VAL A 291 -7.41 18.36 -9.55
N TYR A 292 -7.98 18.70 -10.70
CA TYR A 292 -9.11 19.61 -10.75
C TYR A 292 -10.32 19.03 -10.01
N GLU A 293 -10.69 17.81 -10.33
CA GLU A 293 -11.85 17.16 -9.71
C GLU A 293 -11.67 16.91 -8.21
N SER A 294 -10.43 16.92 -7.74
CA SER A 294 -10.16 16.66 -6.33
C SER A 294 -10.29 17.91 -5.50
N LEU A 295 -9.85 19.04 -6.05
CA LEU A 295 -10.00 20.32 -5.37
C LEU A 295 -11.46 20.73 -5.32
N ARG A 296 -12.20 20.38 -6.37
CA ARG A 296 -13.59 20.79 -6.54
C ARG A 296 -14.55 19.95 -5.69
N ASP A 297 -14.30 18.65 -5.62
CA ASP A 297 -15.17 17.74 -4.89
C ASP A 297 -14.64 17.38 -3.49
N MET A 298 -13.46 17.90 -3.16
CA MET A 298 -12.70 17.46 -1.98
C MET A 298 -12.57 15.94 -2.01
N LYS A 299 -11.99 15.46 -3.10
CA LYS A 299 -12.18 14.09 -3.56
C LYS A 299 -11.07 13.13 -3.14
N TYR A 300 -11.52 12.05 -2.51
CA TYR A 300 -10.67 10.97 -2.03
C TYR A 300 -9.77 11.46 -0.90
N GLU A 301 -10.34 11.47 0.30
CA GLU A 301 -9.66 11.99 1.45
C GLU A 301 -8.95 10.86 2.15
N VAL A 302 -7.69 11.10 2.50
CA VAL A 302 -6.89 10.10 3.17
C VAL A 302 -7.13 10.22 4.67
N THR A 303 -7.49 9.11 5.29
CA THR A 303 -7.78 9.10 6.73
C THR A 303 -7.03 7.99 7.44
N VAL A 304 -6.44 8.33 8.57
CA VAL A 304 -5.84 7.35 9.46
C VAL A 304 -6.33 7.62 10.89
N PRO A 305 -6.79 6.56 11.57
CA PRO A 305 -7.22 6.65 12.98
C PRO A 305 -6.18 7.32 13.86
N GLU A 306 -6.58 8.33 14.62
CA GLU A 306 -5.64 9.13 15.41
C GLU A 306 -4.84 8.28 16.41
N GLU A 307 -5.46 7.27 16.99
CA GLU A 307 -4.79 6.34 17.88
C GLU A 307 -3.50 5.83 17.21
N ILE A 308 -3.68 5.24 16.04
CA ILE A 308 -2.58 4.63 15.30
C ILE A 308 -1.69 5.67 14.63
N ALA A 309 -2.29 6.75 14.14
CA ALA A 309 -1.56 7.81 13.45
C ALA A 309 -0.52 8.46 14.35
N GLU A 310 -0.93 8.86 15.54
CA GLU A 310 -0.01 9.55 16.45
C GLU A 310 1.13 8.64 16.91
N LYS A 311 0.88 7.32 16.92
CA LYS A 311 1.94 6.35 17.19
C LYS A 311 2.88 6.19 16.00
N ALA A 312 2.29 5.97 14.83
CA ALA A 312 3.05 5.75 13.58
C ALA A 312 3.88 6.96 13.20
N ARG A 313 3.46 8.12 13.68
CA ARG A 313 4.09 9.41 13.39
C ARG A 313 5.51 9.53 13.92
N LYS A 314 5.79 8.85 15.04
CA LYS A 314 7.11 8.90 15.66
C LYS A 314 8.18 8.37 14.70
N ALA A 315 7.92 7.21 14.12
CA ALA A 315 8.89 6.60 13.20
C ALA A 315 9.14 7.45 11.95
N ILE A 316 8.13 8.17 11.48
CA ILE A 316 8.30 9.01 10.29
C ILE A 316 9.16 10.23 10.60
N GLU A 317 8.92 10.85 11.76
CA GLU A 317 9.67 12.04 12.15
C GLU A 317 11.12 11.71 12.49
N ARG A 318 11.32 10.50 12.97
CA ARG A 318 12.66 9.98 13.25
C ARG A 318 13.46 9.88 11.96
N MET A 319 12.82 9.38 10.89
CA MET A 319 13.46 9.27 9.58
C MET A 319 13.88 10.63 9.04
N LEU A 320 13.09 11.65 9.34
CA LEU A 320 13.42 13.00 8.89
C LEU A 320 14.59 13.55 9.71
N GLU A 321 14.71 13.11 10.95
CA GLU A 321 15.81 13.55 11.80
C GLU A 321 17.15 12.97 11.35
N MET A 322 17.14 11.71 10.93
CA MET A 322 18.35 11.00 10.53
C MET A 322 18.77 11.29 9.08
N SER A 323 17.80 11.48 8.21
CA SER A 323 18.09 11.80 6.81
C SER A 323 18.33 13.29 6.64
CL CL B . 4.39 9.47 -4.16
CL CL C . -9.49 7.64 -10.33
#